data_3LE7
#
_entry.id   3LE7
#
_cell.length_a   149.323
_cell.length_b   32.159
_cell.length_c   112.295
_cell.angle_alpha   90.00
_cell.angle_beta   128.29
_cell.angle_gamma   90.00
#
_symmetry.space_group_name_H-M   'C 1 2 1'
#
loop_
_entity.id
_entity.type
_entity.pdbx_description
1 polymer 'Ribosome-inactivating protein PD-L1/PD-L2'
2 non-polymer 2-acetamido-2-deoxy-beta-D-glucopyranose
3 non-polymer ADENINE
4 water water
#
_entity_poly.entity_id   1
_entity_poly.type   'polypeptide(L)'
_entity_poly.pdbx_seq_one_letter_code
;INTITYDAGNTTINKYATFMESLRNEAKDPSLQCYGIPMLPNNSSTIKYLLVKLQGASQKTITLMLRRNNLYVMGYSDPF
NGNCRYHIFNDITGTERTNVENTLCSSSSSRDAKPINYNSLYSTLEKKAEVNSRSQVQLGIQILSSDIGKISGQSSFTDK
TEAKFLLVAIQMVSEAARFKYIENQVKTNFNRDFSPNDKILDLEENWGKISTAIHDATNGALPKPLELKNADGTKWIVLR
VDEIKPDMGLLNYVNGTCQTT
;
_entity_poly.pdbx_strand_id   A,B
#
loop_
_chem_comp.id
_chem_comp.type
_chem_comp.name
_chem_comp.formula
ADE non-polymer ADENINE 'C5 H5 N5'
NAG D-saccharide, beta linking 2-acetamido-2-deoxy-beta-D-glucopyranose 'C8 H15 N O6'
#
# COMPACT_ATOMS: atom_id res chain seq x y z
N ILE A 1 -24.25 -3.82 -15.19
CA ILE A 1 -22.84 -3.30 -15.19
C ILE A 1 -22.62 -2.37 -14.02
N ASN A 2 -21.39 -2.40 -13.53
CA ASN A 2 -21.05 -1.57 -12.43
C ASN A 2 -19.96 -0.64 -12.78
N THR A 3 -19.94 0.46 -12.10
CA THR A 3 -18.96 1.45 -12.32
C THR A 3 -18.19 1.50 -11.05
N ILE A 4 -16.92 1.18 -11.16
CA ILE A 4 -16.06 1.45 -10.08
C ILE A 4 -15.58 2.79 -10.48
N THR A 5 -15.64 3.67 -9.53
CA THR A 5 -15.30 4.97 -9.89
C THR A 5 -14.03 5.12 -9.20
N TYR A 6 -13.13 5.82 -9.82
CA TYR A 6 -11.97 6.09 -9.13
C TYR A 6 -11.63 7.44 -9.52
N ASP A 7 -11.48 8.27 -8.53
CA ASP A 7 -11.02 9.55 -8.86
C ASP A 7 -9.55 9.53 -8.71
N ALA A 8 -8.88 9.49 -9.83
CA ALA A 8 -7.46 9.43 -9.82
C ALA A 8 -6.93 10.80 -9.47
N GLY A 9 -7.80 11.79 -9.53
CA GLY A 9 -7.33 13.16 -9.49
C GLY A 9 -7.21 13.56 -8.09
N ASN A 10 -7.88 12.82 -7.26
CA ASN A 10 -7.90 13.18 -5.90
C ASN A 10 -8.12 11.92 -5.24
N THR A 11 -7.03 11.37 -4.78
CA THR A 11 -7.17 10.06 -4.33
C THR A 11 -6.06 9.74 -3.43
N THR A 12 -6.05 8.52 -2.99
CA THR A 12 -5.10 8.13 -2.06
C THR A 12 -4.87 6.69 -2.36
N ILE A 13 -3.72 6.24 -1.95
CA ILE A 13 -3.34 4.89 -2.08
C ILE A 13 -4.54 4.12 -1.66
N ASN A 14 -5.06 4.45 -0.49
CA ASN A 14 -6.07 3.62 0.05
C ASN A 14 -7.27 3.64 -0.84
N LYS A 15 -7.54 4.77 -1.46
CA LYS A 15 -8.70 4.84 -2.30
C LYS A 15 -8.41 4.03 -3.52
N TYR A 16 -7.17 4.08 -3.94
CA TYR A 16 -6.80 3.33 -5.06
C TYR A 16 -6.92 1.90 -4.73
N ALA A 17 -6.45 1.53 -3.53
CA ALA A 17 -6.54 0.17 -3.11
C ALA A 17 -7.98 -0.18 -3.18
N THR A 18 -8.82 0.72 -2.70
CA THR A 18 -10.21 0.40 -2.62
C THR A 18 -10.71 0.28 -4.01
N PHE A 19 -10.25 1.15 -4.85
CA PHE A 19 -10.64 1.13 -6.21
C PHE A 19 -10.22 -0.18 -6.78
N MET A 20 -9.03 -0.59 -6.41
CA MET A 20 -8.54 -1.81 -6.98
C MET A 20 -9.43 -2.88 -6.52
N GLU A 21 -9.71 -2.89 -5.23
CA GLU A 21 -10.46 -3.97 -4.69
C GLU A 21 -11.78 -3.92 -5.32
N SER A 22 -12.33 -2.73 -5.48
CA SER A 22 -13.65 -2.66 -6.04
C SER A 22 -13.59 -3.18 -7.42
N LEU A 23 -12.56 -2.78 -8.11
CA LEU A 23 -12.44 -3.14 -9.47
C LEU A 23 -12.31 -4.64 -9.56
N ARG A 24 -11.49 -5.18 -8.71
CA ARG A 24 -11.29 -6.62 -8.71
C ARG A 24 -12.55 -7.28 -8.32
N ASN A 25 -13.18 -6.72 -7.33
CA ASN A 25 -14.41 -7.29 -6.85
C ASN A 25 -15.43 -7.21 -7.89
N GLU A 26 -15.41 -6.14 -8.67
CA GLU A 26 -16.41 -6.03 -9.67
C GLU A 26 -16.03 -6.89 -10.81
N ALA A 27 -14.75 -6.96 -11.07
CA ALA A 27 -14.32 -7.61 -12.26
C ALA A 27 -14.38 -9.11 -12.05
N LYS A 28 -13.97 -9.52 -10.87
CA LYS A 28 -13.80 -10.92 -10.63
C LYS A 28 -15.12 -11.54 -10.77
N ASP A 29 -15.03 -12.75 -11.25
CA ASP A 29 -16.13 -13.61 -11.09
C ASP A 29 -16.29 -13.78 -9.59
N PRO A 30 -17.50 -13.61 -9.08
CA PRO A 30 -17.64 -13.74 -7.64
C PRO A 30 -17.24 -15.13 -7.17
N SER A 31 -17.32 -16.08 -8.04
CA SER A 31 -17.19 -17.46 -7.61
C SER A 31 -15.87 -18.00 -8.06
N LEU A 32 -15.21 -17.28 -8.96
CA LEU A 32 -14.04 -17.82 -9.54
C LEU A 32 -12.87 -17.26 -8.85
N GLN A 33 -11.94 -18.12 -8.58
CA GLN A 33 -10.81 -17.75 -7.82
C GLN A 33 -9.95 -18.94 -7.97
N CYS A 34 -8.69 -18.69 -8.16
CA CYS A 34 -7.80 -19.79 -8.08
C CYS A 34 -6.83 -19.37 -7.08
N TYR A 35 -6.63 -20.21 -6.09
CA TYR A 35 -5.67 -19.95 -5.07
C TYR A 35 -5.95 -18.67 -4.42
N GLY A 36 -7.24 -18.45 -4.19
CA GLY A 36 -7.69 -17.31 -3.43
C GLY A 36 -7.51 -16.07 -4.24
N ILE A 37 -7.13 -16.21 -5.50
CA ILE A 37 -7.00 -15.07 -6.35
C ILE A 37 -8.26 -15.09 -7.10
N PRO A 38 -9.00 -13.99 -6.99
CA PRO A 38 -10.21 -13.96 -7.73
C PRO A 38 -9.85 -14.00 -9.15
N MET A 39 -10.73 -14.59 -9.89
CA MET A 39 -10.50 -14.69 -11.26
C MET A 39 -11.62 -14.06 -11.94
N LEU A 40 -11.27 -13.48 -13.06
CA LEU A 40 -12.23 -12.83 -13.85
C LEU A 40 -13.19 -13.82 -14.38
N PRO A 41 -14.41 -13.36 -14.58
CA PRO A 41 -15.39 -14.35 -14.98
C PRO A 41 -15.04 -14.66 -16.41
N ASN A 42 -15.65 -15.71 -16.95
CA ASN A 42 -15.56 -15.90 -18.37
C ASN A 42 -16.25 -14.74 -19.05
N ASN A 43 -16.26 -14.78 -20.37
CA ASN A 43 -16.87 -13.77 -21.16
C ASN A 43 -18.36 -14.08 -21.35
N SER A 44 -18.95 -14.80 -20.42
CA SER A 44 -20.35 -15.14 -20.48
C SER A 44 -20.97 -14.72 -19.18
N SER A 45 -20.29 -13.88 -18.42
CA SER A 45 -20.91 -13.43 -17.19
C SER A 45 -22.11 -12.57 -17.55
N THR A 46 -23.09 -12.58 -16.67
CA THR A 46 -24.23 -11.71 -16.81
C THR A 46 -23.69 -10.29 -17.09
N ILE A 47 -22.78 -9.85 -16.25
CA ILE A 47 -22.26 -8.53 -16.36
C ILE A 47 -20.91 -8.74 -17.01
N LYS A 48 -20.75 -8.40 -18.27
CA LYS A 48 -19.56 -8.75 -18.97
C LYS A 48 -18.53 -7.70 -18.65
N TYR A 49 -19.03 -6.56 -18.28
CA TYR A 49 -18.18 -5.43 -18.28
C TYR A 49 -18.30 -4.72 -17.02
N LEU A 50 -17.44 -3.74 -16.95
CA LEU A 50 -17.42 -3.04 -15.78
C LEU A 50 -16.94 -1.74 -16.26
N LEU A 51 -17.39 -0.74 -15.58
CA LEU A 51 -16.99 0.54 -15.97
C LEU A 51 -16.06 0.97 -14.98
N VAL A 52 -15.07 1.66 -15.44
CA VAL A 52 -14.25 2.24 -14.45
C VAL A 52 -14.29 3.66 -14.76
N LYS A 53 -14.88 4.40 -13.86
CA LYS A 53 -15.07 5.76 -14.14
C LYS A 53 -13.96 6.36 -13.39
N LEU A 54 -13.05 6.88 -14.15
CA LEU A 54 -11.91 7.47 -13.61
C LEU A 54 -12.14 8.90 -13.69
N GLN A 55 -11.81 9.56 -12.64
CA GLN A 55 -11.86 10.93 -12.72
C GLN A 55 -10.45 11.32 -12.53
N GLY A 56 -10.09 12.32 -13.24
CA GLY A 56 -8.75 12.67 -13.26
C GLY A 56 -8.73 14.13 -13.20
N ALA A 57 -7.85 14.66 -14.00
CA ALA A 57 -7.49 16.02 -13.90
C ALA A 57 -8.75 16.78 -14.12
N SER A 58 -8.91 17.79 -13.30
CA SER A 58 -9.97 18.72 -13.46
C SER A 58 -11.24 17.97 -13.34
N GLN A 59 -11.20 16.87 -12.58
CA GLN A 59 -12.40 16.12 -12.28
C GLN A 59 -12.99 15.60 -13.52
N LYS A 60 -12.20 15.54 -14.56
CA LYS A 60 -12.67 15.05 -15.78
C LYS A 60 -12.65 13.60 -15.60
N THR A 61 -13.53 12.96 -16.28
CA THR A 61 -13.66 11.58 -16.04
C THR A 61 -13.46 10.89 -17.30
N ILE A 62 -13.07 9.67 -17.15
CA ILE A 62 -12.99 8.85 -18.29
C ILE A 62 -13.53 7.63 -17.69
N THR A 63 -14.38 7.00 -18.44
CA THR A 63 -14.91 5.79 -17.97
C THR A 63 -14.26 4.80 -18.80
N LEU A 64 -13.64 3.88 -18.14
CA LEU A 64 -13.07 2.79 -18.78
C LEU A 64 -14.15 1.80 -18.71
N MET A 65 -14.30 1.16 -19.82
CA MET A 65 -15.12 0.00 -19.75
C MET A 65 -14.20 -1.10 -19.88
N LEU A 66 -14.28 -1.95 -18.88
CA LEU A 66 -13.43 -3.06 -18.80
C LEU A 66 -14.30 -4.23 -19.00
N ARG A 67 -13.79 -5.10 -19.82
CA ARG A 67 -14.36 -6.40 -19.94
C ARG A 67 -13.99 -7.06 -18.65
N ARG A 68 -14.96 -7.63 -17.98
CA ARG A 68 -14.69 -8.21 -16.71
C ARG A 68 -13.87 -9.45 -16.94
N ASN A 69 -14.05 -10.07 -18.07
CA ASN A 69 -13.46 -11.34 -18.30
C ASN A 69 -11.98 -11.24 -18.28
N ASN A 70 -11.41 -10.14 -18.77
CA ASN A 70 -9.97 -10.08 -18.81
C ASN A 70 -9.55 -8.73 -18.42
N LEU A 71 -10.54 -7.99 -17.96
CA LEU A 71 -10.37 -6.69 -17.38
C LEU A 71 -9.76 -5.81 -18.39
N TYR A 72 -9.90 -6.17 -19.64
CA TYR A 72 -9.45 -5.31 -20.64
C TYR A 72 -10.26 -4.08 -20.64
N VAL A 73 -9.58 -2.96 -20.74
CA VAL A 73 -10.26 -1.76 -21.02
C VAL A 73 -10.63 -1.90 -22.47
N MET A 74 -11.93 -1.85 -22.71
CA MET A 74 -12.42 -2.05 -24.04
C MET A 74 -12.52 -0.73 -24.71
N GLY A 75 -12.51 0.28 -23.89
CA GLY A 75 -12.38 1.56 -24.42
C GLY A 75 -12.84 2.36 -23.29
N TYR A 76 -13.16 3.58 -23.60
CA TYR A 76 -13.47 4.40 -22.51
C TYR A 76 -14.32 5.46 -23.04
N SER A 77 -14.96 6.13 -22.14
CA SER A 77 -15.72 7.20 -22.60
C SER A 77 -15.25 8.32 -21.78
N ASP A 78 -15.49 9.47 -22.29
CA ASP A 78 -15.23 10.58 -21.51
C ASP A 78 -16.38 11.47 -21.85
N PRO A 79 -16.81 12.22 -20.87
CA PRO A 79 -17.81 13.17 -21.18
C PRO A 79 -17.13 14.13 -22.09
N PHE A 80 -17.70 14.31 -23.25
CA PHE A 80 -17.10 15.19 -24.15
C PHE A 80 -18.22 15.89 -24.82
N ASN A 81 -18.29 17.18 -24.54
CA ASN A 81 -19.26 18.01 -25.20
C ASN A 81 -20.60 17.50 -24.93
N GLY A 82 -20.85 17.11 -23.69
CA GLY A 82 -22.14 16.72 -23.22
C GLY A 82 -22.43 15.35 -23.76
N ASN A 83 -21.47 14.82 -24.47
CA ASN A 83 -21.63 13.53 -25.05
C ASN A 83 -20.86 12.53 -24.25
N CYS A 84 -21.34 11.31 -24.25
CA CYS A 84 -20.51 10.26 -23.83
C CYS A 84 -19.66 10.02 -25.02
N ARG A 85 -18.40 10.39 -24.87
CA ARG A 85 -17.53 10.17 -25.96
C ARG A 85 -16.90 8.87 -25.73
N TYR A 86 -17.21 7.91 -26.56
CA TYR A 86 -16.72 6.64 -26.25
C TYR A 86 -15.67 6.37 -27.27
N HIS A 87 -14.65 5.75 -26.75
CA HIS A 87 -13.46 5.50 -27.45
C HIS A 87 -13.25 4.08 -27.22
N ILE A 88 -13.33 3.37 -28.29
CA ILE A 88 -13.31 1.98 -28.15
C ILE A 88 -12.16 1.65 -28.97
N PHE A 89 -11.39 0.69 -28.47
CA PHE A 89 -10.35 0.16 -29.24
C PHE A 89 -10.97 -0.42 -30.48
N ASN A 90 -10.25 -0.25 -31.54
CA ASN A 90 -10.75 -0.69 -32.81
C ASN A 90 -10.74 -2.19 -32.98
N ASP A 91 -10.34 -2.91 -31.90
CA ASP A 91 -10.38 -4.36 -31.92
C ASP A 91 -11.43 -4.78 -30.92
N ILE A 92 -12.17 -3.80 -30.40
CA ILE A 92 -13.47 -4.08 -29.92
C ILE A 92 -14.32 -3.84 -31.17
N THR A 93 -14.94 -4.93 -31.61
CA THR A 93 -15.21 -5.10 -33.05
C THR A 93 -16.62 -4.94 -33.52
N GLY A 94 -17.56 -5.60 -32.78
CA GLY A 94 -18.95 -5.62 -33.19
C GLY A 94 -19.86 -5.43 -32.03
N THR A 95 -20.48 -6.51 -31.59
CA THR A 95 -21.43 -6.37 -30.51
C THR A 95 -20.84 -5.91 -29.17
N GLU A 96 -19.66 -6.44 -28.82
CA GLU A 96 -18.95 -5.89 -27.66
C GLU A 96 -18.80 -4.38 -27.90
N ARG A 97 -18.24 -4.01 -29.04
CA ARG A 97 -18.04 -2.61 -29.38
C ARG A 97 -19.31 -1.79 -29.22
N THR A 98 -20.47 -2.39 -29.55
CA THR A 98 -21.68 -1.70 -29.36
C THR A 98 -21.97 -1.66 -27.90
N ASN A 99 -21.74 -2.81 -27.22
CA ASN A 99 -21.97 -2.89 -25.80
C ASN A 99 -21.03 -1.95 -25.08
N VAL A 100 -19.82 -1.87 -25.59
CA VAL A 100 -18.82 -0.99 -24.98
C VAL A 100 -19.30 0.44 -25.16
N GLU A 101 -19.64 0.79 -26.38
CA GLU A 101 -20.20 2.07 -26.64
C GLU A 101 -21.38 2.25 -25.72
N ASN A 102 -22.35 1.30 -25.81
CA ASN A 102 -23.55 1.41 -25.00
C ASN A 102 -23.32 1.45 -23.52
N THR A 103 -22.39 0.63 -23.09
CA THR A 103 -22.11 0.51 -21.67
C THR A 103 -21.46 1.81 -21.27
N LEU A 104 -20.45 2.21 -22.00
CA LEU A 104 -19.77 3.45 -21.71
C LEU A 104 -20.75 4.56 -21.62
N CYS A 105 -21.73 4.52 -22.50
CA CYS A 105 -22.58 5.65 -22.73
C CYS A 105 -24.03 5.38 -22.41
N SER A 106 -24.28 4.46 -21.48
CA SER A 106 -25.58 3.98 -21.12
C SER A 106 -26.44 5.09 -20.53
N SER A 107 -25.89 5.84 -19.60
CA SER A 107 -26.68 6.91 -18.95
C SER A 107 -26.31 8.28 -19.50
N SER A 108 -25.68 8.24 -20.68
CA SER A 108 -25.53 9.44 -21.47
C SER A 108 -26.55 9.35 -22.61
N SER A 109 -27.26 10.44 -22.79
CA SER A 109 -28.25 10.56 -23.81
C SER A 109 -27.52 10.75 -25.12
N SER A 110 -26.35 11.37 -25.08
CA SER A 110 -25.62 11.60 -26.25
C SER A 110 -24.29 10.96 -26.11
N ARG A 111 -23.84 10.53 -27.27
CA ARG A 111 -22.65 9.81 -27.36
C ARG A 111 -22.02 10.31 -28.56
N ASP A 112 -20.72 10.26 -28.58
CA ASP A 112 -20.04 10.38 -29.81
C ASP A 112 -18.85 9.52 -29.73
N ALA A 113 -18.53 8.90 -30.85
CA ALA A 113 -17.42 8.00 -30.90
C ALA A 113 -16.22 8.88 -31.08
N LYS A 114 -15.24 8.59 -30.24
CA LYS A 114 -13.94 8.93 -30.67
C LYS A 114 -13.22 7.65 -30.53
N PRO A 115 -13.22 6.87 -31.59
CA PRO A 115 -12.64 5.59 -31.50
C PRO A 115 -11.22 5.66 -30.99
N ILE A 116 -10.80 4.61 -30.33
CA ILE A 116 -9.39 4.47 -30.12
C ILE A 116 -8.96 3.87 -31.43
N ASN A 117 -8.29 4.72 -32.18
CA ASN A 117 -7.86 4.37 -33.55
C ASN A 117 -6.70 3.40 -33.43
N TYR A 118 -6.91 2.42 -32.58
CA TYR A 118 -5.91 1.38 -32.34
C TYR A 118 -6.39 0.41 -31.33
N ASN A 119 -5.82 -0.78 -31.43
CA ASN A 119 -6.21 -1.78 -30.53
C ASN A 119 -5.52 -1.55 -29.20
N SER A 120 -5.78 -2.43 -28.29
CA SER A 120 -5.43 -2.10 -26.94
C SER A 120 -4.20 -2.85 -26.53
N LEU A 121 -3.58 -3.48 -27.50
CA LEU A 121 -2.39 -4.20 -27.19
C LEU A 121 -1.47 -3.19 -26.66
N TYR A 122 -0.76 -3.53 -25.60
CA TYR A 122 0.26 -2.65 -25.15
C TYR A 122 1.16 -2.16 -26.20
N SER A 123 1.59 -3.08 -27.03
CA SER A 123 2.50 -2.74 -28.11
C SER A 123 1.89 -1.59 -28.86
N THR A 124 0.61 -1.74 -29.13
CA THR A 124 -0.14 -0.75 -29.86
C THR A 124 -0.12 0.54 -29.08
N LEU A 125 -0.57 0.46 -27.84
CA LEU A 125 -0.66 1.63 -27.04
C LEU A 125 0.69 2.24 -26.91
N GLU A 126 1.71 1.41 -26.73
CA GLU A 126 3.03 1.95 -26.60
C GLU A 126 3.41 2.60 -27.88
N LYS A 127 3.13 1.89 -28.97
CA LYS A 127 3.44 2.44 -30.25
C LYS A 127 2.73 3.80 -30.31
N LYS A 128 1.46 3.77 -30.01
CA LYS A 128 0.64 4.96 -30.11
C LYS A 128 1.09 5.96 -29.09
N ALA A 129 1.44 5.53 -27.90
CA ALA A 129 2.01 6.43 -26.95
C ALA A 129 3.37 6.86 -27.38
N GLU A 130 3.83 6.28 -28.47
CA GLU A 130 5.15 6.53 -29.01
C GLU A 130 6.15 6.33 -27.89
N VAL A 131 6.02 5.19 -27.26
CA VAL A 131 6.99 4.86 -26.30
C VAL A 131 7.40 3.53 -26.80
N ASN A 132 8.64 3.23 -26.49
CA ASN A 132 9.14 1.93 -26.81
C ASN A 132 8.35 0.93 -26.03
N SER A 133 8.00 1.32 -24.84
CA SER A 133 7.41 0.39 -23.97
C SER A 133 6.73 1.24 -23.01
N ARG A 134 5.70 0.67 -22.45
CA ARG A 134 5.02 1.39 -21.45
C ARG A 134 5.88 1.41 -20.20
N SER A 135 6.98 0.67 -20.20
CA SER A 135 7.93 0.84 -19.14
C SER A 135 8.20 2.31 -19.09
N GLN A 136 8.08 2.96 -20.23
CA GLN A 136 8.54 4.31 -20.34
C GLN A 136 7.46 5.25 -20.07
N VAL A 137 6.27 4.69 -19.95
CA VAL A 137 5.15 5.49 -19.69
C VAL A 137 4.96 5.40 -18.21
N GLN A 138 5.20 6.53 -17.59
CA GLN A 138 5.12 6.52 -16.21
C GLN A 138 3.70 6.33 -15.83
N LEU A 139 3.54 5.65 -14.74
CA LEU A 139 2.25 5.43 -14.27
C LEU A 139 2.21 6.24 -13.07
N GLY A 140 1.03 6.42 -12.56
CA GLY A 140 0.94 7.18 -11.39
C GLY A 140 -0.44 7.68 -11.45
N ILE A 141 -0.89 8.02 -10.28
CA ILE A 141 -2.21 8.44 -10.11
C ILE A 141 -2.33 9.77 -10.74
N GLN A 142 -1.35 10.59 -10.48
CA GLN A 142 -1.37 11.88 -11.02
C GLN A 142 -1.31 11.77 -12.51
N ILE A 143 -0.50 10.86 -13.00
CA ILE A 143 -0.40 10.73 -14.41
C ILE A 143 -1.72 10.28 -14.95
N LEU A 144 -2.32 9.36 -14.27
CA LEU A 144 -3.54 8.85 -14.72
C LEU A 144 -4.51 9.98 -14.70
N SER A 145 -4.51 10.66 -13.59
CA SER A 145 -5.41 11.74 -13.42
C SER A 145 -5.18 12.70 -14.52
N SER A 146 -3.92 13.05 -14.69
CA SER A 146 -3.62 14.01 -15.68
C SER A 146 -3.97 13.45 -16.99
N ASP A 147 -3.70 12.18 -17.19
CA ASP A 147 -3.97 11.63 -18.49
C ASP A 147 -5.42 11.67 -18.73
N ILE A 148 -6.16 11.33 -17.72
CA ILE A 148 -7.56 11.41 -17.85
C ILE A 148 -7.91 12.78 -18.31
N GLY A 149 -7.23 13.78 -17.77
CA GLY A 149 -7.43 15.16 -18.05
C GLY A 149 -7.08 15.47 -19.47
N LYS A 150 -6.13 14.75 -20.03
CA LYS A 150 -5.65 15.02 -21.36
C LYS A 150 -6.58 14.43 -22.34
N ILE A 151 -7.40 13.53 -21.85
CA ILE A 151 -8.27 12.87 -22.73
C ILE A 151 -9.67 13.30 -22.50
N SER A 152 -10.10 13.25 -21.25
CA SER A 152 -11.48 13.43 -20.97
C SER A 152 -11.85 14.80 -21.40
N GLY A 153 -12.94 14.89 -22.15
CA GLY A 153 -13.52 16.19 -22.47
C GLY A 153 -12.68 16.89 -23.47
N GLN A 154 -11.57 16.29 -23.84
CA GLN A 154 -10.63 16.94 -24.69
C GLN A 154 -11.08 16.69 -26.09
N SER A 155 -11.39 17.76 -26.81
CA SER A 155 -11.90 17.61 -28.15
C SER A 155 -10.91 16.89 -28.98
N SER A 156 -9.65 17.15 -28.71
CA SER A 156 -8.63 16.51 -29.48
C SER A 156 -7.62 16.04 -28.51
N PHE A 157 -7.16 14.88 -28.80
CA PHE A 157 -6.00 14.44 -28.15
C PHE A 157 -5.44 13.50 -29.12
N THR A 158 -4.15 13.39 -29.06
CA THR A 158 -3.53 12.54 -29.97
C THR A 158 -3.74 11.15 -29.48
N ASP A 159 -3.60 10.22 -30.41
CA ASP A 159 -3.56 8.84 -30.04
C ASP A 159 -2.50 8.59 -29.03
N LYS A 160 -1.40 9.30 -29.16
CA LYS A 160 -0.31 9.21 -28.25
C LYS A 160 -0.80 9.50 -26.87
N THR A 161 -1.49 10.60 -26.74
CA THR A 161 -1.91 11.01 -25.45
C THR A 161 -2.86 9.98 -25.00
N GLU A 162 -3.70 9.56 -25.90
CA GLU A 162 -4.70 8.65 -25.50
C GLU A 162 -4.03 7.37 -25.15
N ALA A 163 -3.07 7.02 -25.99
CA ALA A 163 -2.51 5.72 -25.83
C ALA A 163 -1.79 5.71 -24.53
N LYS A 164 -1.16 6.83 -24.21
CA LYS A 164 -0.46 6.93 -22.95
C LYS A 164 -1.47 6.85 -21.87
N PHE A 165 -2.53 7.60 -22.02
CA PHE A 165 -3.50 7.56 -21.02
C PHE A 165 -3.93 6.15 -20.91
N LEU A 166 -4.13 5.50 -22.02
CA LEU A 166 -4.63 4.15 -21.96
C LEU A 166 -3.62 3.30 -21.30
N LEU A 167 -2.37 3.55 -21.62
CA LEU A 167 -1.37 2.75 -21.02
C LEU A 167 -1.49 2.93 -19.58
N VAL A 168 -1.64 4.18 -19.20
CA VAL A 168 -1.66 4.47 -17.83
C VAL A 168 -2.87 3.86 -17.21
N ALA A 169 -4.01 4.06 -17.85
CA ALA A 169 -5.28 3.71 -17.28
C ALA A 169 -5.30 2.24 -17.25
N ILE A 170 -4.83 1.65 -18.32
CA ILE A 170 -5.00 0.24 -18.43
C ILE A 170 -4.23 -0.33 -17.34
N GLN A 171 -3.05 0.21 -17.17
CA GLN A 171 -2.22 -0.41 -16.24
C GLN A 171 -2.65 -0.08 -14.88
N MET A 172 -3.10 1.13 -14.68
CA MET A 172 -3.44 1.46 -13.35
C MET A 172 -4.77 1.01 -12.99
N VAL A 173 -5.48 0.54 -13.95
CA VAL A 173 -6.78 0.10 -13.64
C VAL A 173 -6.76 -1.37 -13.84
N SER A 174 -6.65 -1.75 -15.06
CA SER A 174 -6.81 -3.14 -15.31
C SER A 174 -5.65 -3.86 -14.78
N GLU A 175 -4.47 -3.40 -15.07
CA GLU A 175 -3.33 -4.20 -14.68
C GLU A 175 -3.23 -4.18 -13.24
N ALA A 176 -3.55 -3.04 -12.67
CA ALA A 176 -3.44 -2.91 -11.26
C ALA A 176 -4.46 -3.82 -10.66
N ALA A 177 -5.57 -3.95 -11.33
CA ALA A 177 -6.63 -4.74 -10.82
C ALA A 177 -6.16 -6.15 -10.96
N ARG A 178 -5.61 -6.44 -12.09
CA ARG A 178 -5.17 -7.78 -12.31
C ARG A 178 -4.09 -8.12 -11.39
N PHE A 179 -3.24 -7.16 -11.18
CA PHE A 179 -2.13 -7.47 -10.36
C PHE A 179 -2.07 -6.57 -9.24
N LYS A 180 -2.20 -7.17 -8.10
CA LYS A 180 -2.02 -6.44 -6.90
C LYS A 180 -0.66 -5.88 -6.96
N TYR A 181 0.21 -6.59 -7.63
CA TYR A 181 1.52 -6.08 -7.69
C TYR A 181 1.52 -4.74 -8.32
N ILE A 182 0.79 -4.62 -9.38
CA ILE A 182 0.76 -3.41 -10.07
C ILE A 182 0.02 -2.45 -9.26
N GLU A 183 -1.11 -2.89 -8.76
CA GLU A 183 -1.77 -2.02 -7.83
C GLU A 183 -0.80 -1.50 -6.83
N ASN A 184 -0.04 -2.42 -6.26
CA ASN A 184 0.88 -2.10 -5.25
C ASN A 184 1.90 -1.18 -5.73
N GLN A 185 2.29 -1.36 -6.99
CA GLN A 185 3.21 -0.45 -7.57
C GLN A 185 2.65 0.89 -7.58
N VAL A 186 1.41 0.96 -8.01
CA VAL A 186 0.81 2.24 -8.07
C VAL A 186 0.77 2.79 -6.70
N LYS A 187 0.31 2.00 -5.78
CA LYS A 187 0.15 2.46 -4.42
C LYS A 187 1.46 2.80 -3.86
N THR A 188 2.46 1.98 -4.14
CA THR A 188 3.76 2.21 -3.61
C THR A 188 4.20 3.47 -4.18
N ASN A 189 3.76 3.78 -5.39
CA ASN A 189 4.22 4.95 -6.01
C ASN A 189 3.13 5.91 -6.06
N PHE A 190 2.29 5.86 -5.05
CA PHE A 190 1.10 6.54 -5.24
C PHE A 190 1.24 8.00 -5.44
N ASN A 191 2.29 8.55 -4.91
CA ASN A 191 2.40 9.96 -4.88
C ASN A 191 3.41 10.30 -5.88
N ARG A 192 3.66 9.40 -6.81
CA ARG A 192 4.67 9.68 -7.74
C ARG A 192 4.38 8.98 -8.99
N ASP A 193 5.04 9.49 -10.02
CA ASP A 193 4.97 8.90 -11.29
C ASP A 193 5.92 7.80 -11.11
N PHE A 194 5.62 6.70 -11.70
CA PHE A 194 6.63 5.74 -11.62
C PHE A 194 6.61 5.07 -12.92
N SER A 195 7.77 4.55 -13.25
CA SER A 195 7.94 3.81 -14.42
C SER A 195 7.58 2.45 -13.99
N PRO A 196 6.62 1.86 -14.67
CA PRO A 196 6.25 0.57 -14.27
C PRO A 196 7.45 -0.29 -14.44
N ASN A 197 7.79 -0.96 -13.39
CA ASN A 197 8.90 -1.80 -13.44
C ASN A 197 8.58 -2.98 -14.30
N ASP A 198 9.58 -3.81 -14.48
CA ASP A 198 9.50 -4.85 -15.41
C ASP A 198 8.55 -5.83 -14.91
N LYS A 199 8.37 -5.84 -13.62
CA LYS A 199 7.46 -6.78 -13.11
C LYS A 199 6.08 -6.37 -13.43
N ILE A 200 5.82 -5.09 -13.34
CA ILE A 200 4.52 -4.65 -13.75
C ILE A 200 4.33 -5.11 -15.13
N LEU A 201 5.27 -4.79 -15.98
CA LEU A 201 5.07 -5.01 -17.36
C LEU A 201 4.93 -6.45 -17.54
N ASP A 202 5.80 -7.18 -16.88
CA ASP A 202 5.85 -8.57 -17.09
C ASP A 202 4.59 -9.23 -16.65
N LEU A 203 4.16 -8.86 -15.47
CA LEU A 203 2.95 -9.37 -14.97
C LEU A 203 1.88 -9.04 -15.96
N GLU A 204 1.86 -7.80 -16.42
CA GLU A 204 0.84 -7.40 -17.33
C GLU A 204 0.88 -8.34 -18.45
N GLU A 205 2.06 -8.58 -18.95
CA GLU A 205 2.21 -9.31 -20.18
C GLU A 205 1.88 -10.75 -19.91
N ASN A 206 2.03 -11.16 -18.68
CA ASN A 206 1.96 -12.54 -18.32
C ASN A 206 0.78 -12.88 -17.54
N TRP A 207 -0.10 -11.93 -17.46
CA TRP A 207 -1.22 -12.16 -16.67
C TRP A 207 -1.93 -13.39 -17.09
N GLY A 208 -2.10 -13.58 -18.38
CA GLY A 208 -2.88 -14.69 -18.82
C GLY A 208 -2.09 -15.94 -18.50
N LYS A 209 -0.81 -15.90 -18.77
CA LYS A 209 0.11 -16.96 -18.44
C LYS A 209 0.01 -17.24 -16.97
N ILE A 210 0.06 -16.19 -16.16
CA ILE A 210 0.02 -16.37 -14.77
C ILE A 210 -1.29 -16.94 -14.38
N SER A 211 -2.35 -16.34 -14.89
CA SER A 211 -3.66 -16.73 -14.51
C SER A 211 -3.82 -18.17 -14.84
N THR A 212 -3.40 -18.48 -16.04
CA THR A 212 -3.40 -19.85 -16.51
C THR A 212 -2.65 -20.69 -15.53
N ALA A 213 -1.44 -20.26 -15.25
CA ALA A 213 -0.49 -21.02 -14.46
C ALA A 213 -1.08 -21.24 -13.12
N ILE A 214 -1.64 -20.18 -12.59
CA ILE A 214 -2.19 -20.22 -11.29
C ILE A 214 -3.41 -21.08 -11.36
N HIS A 215 -4.21 -20.84 -12.36
CA HIS A 215 -5.42 -21.55 -12.44
C HIS A 215 -5.11 -23.03 -12.57
N ASP A 216 -4.12 -23.32 -13.38
CA ASP A 216 -3.76 -24.69 -13.70
C ASP A 216 -2.81 -25.20 -12.68
N ALA A 217 -2.48 -24.37 -11.71
CA ALA A 217 -1.58 -24.77 -10.64
C ALA A 217 -2.25 -25.86 -9.90
N THR A 218 -1.47 -26.89 -9.62
CA THR A 218 -2.01 -27.91 -8.78
C THR A 218 -1.45 -27.75 -7.43
N ASN A 219 -2.32 -27.59 -6.46
CA ASN A 219 -1.92 -27.40 -5.09
C ASN A 219 -0.77 -26.41 -5.01
N GLY A 220 -0.95 -25.35 -5.77
CA GLY A 220 -0.07 -24.22 -5.66
C GLY A 220 1.05 -24.28 -6.62
N ALA A 221 1.30 -25.47 -7.14
CA ALA A 221 2.42 -25.60 -8.04
C ALA A 221 1.95 -25.22 -9.41
N LEU A 222 2.58 -24.20 -9.94
CA LEU A 222 2.32 -23.81 -11.28
C LEU A 222 2.72 -24.98 -12.15
N PRO A 223 1.92 -25.30 -13.16
CA PRO A 223 2.30 -26.40 -14.02
C PRO A 223 3.70 -26.19 -14.54
N LYS A 224 4.08 -24.97 -14.84
CA LYS A 224 5.36 -24.67 -15.41
C LYS A 224 5.85 -23.52 -14.63
N PRO A 225 7.16 -23.43 -14.48
CA PRO A 225 7.63 -22.21 -13.95
C PRO A 225 7.03 -21.12 -14.80
N LEU A 226 6.59 -20.06 -14.16
CA LEU A 226 6.16 -18.92 -14.85
C LEU A 226 7.42 -18.13 -14.81
N GLU A 227 7.88 -17.72 -15.97
CA GLU A 227 9.01 -16.87 -15.98
C GLU A 227 8.43 -15.52 -16.06
N LEU A 228 8.63 -14.83 -14.96
CA LEU A 228 8.14 -13.52 -14.84
C LEU A 228 9.34 -12.68 -14.61
N LYS A 229 9.07 -11.45 -14.33
CA LYS A 229 10.13 -10.57 -14.08
C LYS A 229 9.88 -10.04 -12.74
N ASN A 230 10.94 -9.92 -11.99
CA ASN A 230 10.90 -9.21 -10.79
C ASN A 230 10.80 -7.79 -11.15
N ALA A 231 10.46 -7.01 -10.14
CA ALA A 231 10.36 -5.61 -10.29
C ALA A 231 11.57 -5.11 -10.98
N ASP A 232 12.73 -5.62 -10.61
CA ASP A 232 13.89 -5.01 -11.15
C ASP A 232 14.21 -5.57 -12.50
N GLY A 233 13.33 -6.39 -13.00
CA GLY A 233 13.43 -6.90 -14.36
C GLY A 233 14.12 -8.21 -14.40
N THR A 234 14.55 -8.68 -13.25
CA THR A 234 15.26 -9.90 -13.27
C THR A 234 14.26 -10.94 -13.43
N LYS A 235 14.73 -12.09 -13.83
CA LYS A 235 13.86 -13.17 -14.09
C LYS A 235 13.29 -13.61 -12.77
N TRP A 236 12.02 -13.92 -12.82
CA TRP A 236 11.38 -14.29 -11.66
C TRP A 236 10.67 -15.50 -12.07
N ILE A 237 11.19 -16.61 -11.61
CA ILE A 237 10.62 -17.85 -11.95
C ILE A 237 9.69 -18.22 -10.87
N VAL A 238 8.44 -18.26 -11.21
CA VAL A 238 7.45 -18.53 -10.26
C VAL A 238 7.15 -19.97 -10.50
N LEU A 239 7.16 -20.74 -9.46
CA LEU A 239 6.96 -22.14 -9.54
C LEU A 239 5.66 -22.39 -8.92
N ARG A 240 5.31 -21.50 -8.01
CA ARG A 240 4.17 -21.75 -7.25
C ARG A 240 3.31 -20.56 -7.19
N VAL A 241 2.04 -20.86 -7.13
CA VAL A 241 1.07 -19.84 -7.12
C VAL A 241 1.43 -18.84 -6.05
N ASP A 242 1.83 -19.32 -4.88
CA ASP A 242 2.05 -18.44 -3.78
C ASP A 242 3.11 -17.46 -4.03
N GLU A 243 3.95 -17.71 -5.02
CA GLU A 243 4.97 -16.79 -5.30
C GLU A 243 4.46 -15.66 -6.07
N ILE A 244 3.38 -15.89 -6.79
CA ILE A 244 2.95 -14.93 -7.74
C ILE A 244 1.65 -14.41 -7.21
N LYS A 245 0.96 -15.26 -6.47
CA LYS A 245 -0.30 -14.89 -5.97
C LYS A 245 -0.32 -13.49 -5.40
N PRO A 246 0.67 -13.14 -4.56
CA PRO A 246 0.55 -11.83 -3.96
C PRO A 246 0.45 -10.75 -4.99
N ASP A 247 0.92 -11.04 -6.18
CA ASP A 247 0.94 -10.02 -7.18
C ASP A 247 -0.33 -9.97 -7.86
N MET A 248 -1.12 -11.00 -7.66
CA MET A 248 -2.25 -11.17 -8.45
C MET A 248 -3.40 -10.56 -7.77
N GLY A 249 -4.11 -9.81 -8.57
CA GLY A 249 -5.30 -9.23 -8.08
C GLY A 249 -6.38 -9.99 -8.70
N LEU A 250 -6.21 -10.29 -9.95
CA LEU A 250 -7.22 -10.99 -10.64
C LEU A 250 -6.54 -11.96 -11.46
N LEU A 251 -7.10 -13.14 -11.54
CA LEU A 251 -6.66 -14.04 -12.50
C LEU A 251 -7.49 -13.77 -13.70
N ASN A 252 -6.87 -13.76 -14.84
CA ASN A 252 -7.60 -13.78 -16.01
C ASN A 252 -8.42 -15.03 -15.94
N TYR A 253 -9.57 -14.92 -16.55
CA TYR A 253 -10.43 -16.03 -16.56
C TYR A 253 -9.69 -17.16 -17.20
N VAL A 254 -9.67 -18.25 -16.50
CA VAL A 254 -9.15 -19.42 -17.10
C VAL A 254 -10.17 -20.44 -16.78
N ASN A 255 -10.69 -21.01 -17.84
CA ASN A 255 -11.78 -21.93 -17.72
C ASN A 255 -11.25 -23.22 -17.11
N GLY A 256 -12.22 -24.12 -16.88
CA GLY A 256 -11.90 -25.30 -16.13
C GLY A 256 -11.72 -24.93 -14.70
N THR A 257 -11.42 -25.91 -13.89
CA THR A 257 -11.25 -25.71 -12.49
C THR A 257 -9.86 -25.39 -12.09
N CYS A 258 -9.72 -24.77 -10.94
CA CYS A 258 -8.46 -24.56 -10.35
C CYS A 258 -8.65 -24.71 -8.90
N GLN A 259 -7.57 -24.86 -8.14
CA GLN A 259 -7.66 -24.77 -6.69
C GLN A 259 -8.14 -23.37 -6.38
N THR A 260 -9.35 -23.31 -5.89
CA THR A 260 -10.00 -22.03 -5.74
C THR A 260 -9.34 -21.30 -4.62
N THR A 261 -8.76 -22.05 -3.67
CA THR A 261 -7.99 -21.51 -2.57
C THR A 261 -6.78 -22.45 -2.35
N ILE B 1 23.42 -4.93 16.34
CA ILE B 1 21.95 -4.60 16.35
C ILE B 1 21.61 -4.11 14.93
N ASN B 2 20.32 -4.25 14.55
CA ASN B 2 19.94 -3.80 13.25
C ASN B 2 19.36 -2.42 13.28
N THR B 3 19.86 -1.60 12.37
CA THR B 3 19.33 -0.26 12.28
C THR B 3 18.49 -0.30 11.08
N ILE B 4 17.26 0.07 11.30
CA ILE B 4 16.39 0.21 10.23
C ILE B 4 16.43 1.65 10.00
N THR B 5 16.68 2.01 8.78
CA THR B 5 16.87 3.38 8.59
C THR B 5 15.73 3.84 7.82
N TYR B 6 15.37 5.04 8.08
CA TYR B 6 14.39 5.57 7.26
C TYR B 6 14.69 7.01 7.16
N ASP B 7 14.74 7.49 5.95
CA ASP B 7 14.94 8.87 5.83
C ASP B 7 13.59 9.40 5.51
N ALA B 8 13.00 9.98 6.53
CA ALA B 8 11.68 10.50 6.43
C ALA B 8 11.76 11.78 5.66
N GLY B 9 12.94 12.38 5.57
CA GLY B 9 13.07 13.68 5.00
C GLY B 9 13.10 13.62 3.52
N ASN B 10 13.36 12.44 3.01
CA ASN B 10 13.47 12.32 1.62
C ASN B 10 13.14 10.93 1.34
N THR B 11 11.91 10.76 0.98
CA THR B 11 11.46 9.46 1.05
C THR B 11 10.41 9.28 0.04
N THR B 12 9.93 8.06 0.04
CA THR B 12 8.94 7.77 -0.91
C THR B 12 8.10 6.80 -0.17
N ILE B 13 6.94 6.60 -0.70
CA ILE B 13 6.08 5.68 -0.07
C ILE B 13 6.81 4.41 0.03
N ASN B 14 7.51 4.07 -1.03
CA ASN B 14 8.09 2.80 -1.04
C ASN B 14 9.09 2.73 0.00
N LYS B 15 9.79 3.82 0.22
CA LYS B 15 10.84 3.77 1.15
C LYS B 15 10.26 3.59 2.49
N TYR B 16 9.15 4.23 2.71
CA TYR B 16 8.50 4.11 3.95
C TYR B 16 7.99 2.69 4.05
N ALA B 17 7.46 2.20 2.97
CA ALA B 17 7.00 0.84 2.96
C ALA B 17 8.16 -0.06 3.29
N THR B 18 9.26 0.20 2.66
CA THR B 18 10.40 -0.65 2.83
C THR B 18 10.83 -0.50 4.20
N PHE B 19 10.75 0.69 4.69
CA PHE B 19 11.19 0.89 6.00
C PHE B 19 10.34 0.09 6.95
N MET B 20 9.06 0.21 6.75
CA MET B 20 8.17 -0.49 7.59
C MET B 20 8.45 -1.92 7.50
N GLU B 21 8.66 -2.40 6.30
CA GLU B 21 8.82 -3.80 6.12
C GLU B 21 10.10 -4.17 6.77
N SER B 22 11.07 -3.29 6.65
CA SER B 22 12.33 -3.56 7.23
C SER B 22 12.20 -3.52 8.68
N LEU B 23 11.44 -2.59 9.18
CA LEU B 23 11.30 -2.45 10.56
C LEU B 23 10.61 -3.70 11.05
N ARG B 24 9.58 -4.08 10.36
CA ARG B 24 8.82 -5.17 10.77
C ARG B 24 9.68 -6.36 10.72
N ASN B 25 10.38 -6.51 9.63
CA ASN B 25 11.21 -7.67 9.49
C ASN B 25 12.28 -7.71 10.51
N GLU B 26 12.77 -6.54 10.88
N GLU B 26 12.75 -6.59 10.99
CA GLU B 26 13.75 -6.51 11.93
CA GLU B 26 13.76 -6.57 11.99
C GLU B 26 13.04 -6.93 13.21
C GLU B 26 13.20 -6.72 13.36
N ALA B 27 11.95 -6.26 13.51
CA ALA B 27 11.33 -6.29 14.79
C ALA B 27 10.75 -7.65 14.99
N LYS B 28 10.20 -8.17 13.94
CA LYS B 28 9.42 -9.34 14.07
C LYS B 28 10.30 -10.45 14.53
N ASP B 29 9.69 -11.34 15.26
CA ASP B 29 10.32 -12.55 15.54
C ASP B 29 10.36 -13.20 14.20
N PRO B 30 11.53 -13.67 13.79
CA PRO B 30 11.70 -14.36 12.54
C PRO B 30 10.69 -15.45 12.41
N SER B 31 10.17 -15.94 13.50
CA SER B 31 9.33 -17.11 13.41
C SER B 31 7.90 -16.78 13.78
N LEU B 32 7.75 -15.86 14.68
CA LEU B 32 6.43 -15.70 15.22
C LEU B 32 5.65 -14.92 14.22
N GLN B 33 4.49 -15.42 13.95
CA GLN B 33 3.61 -14.68 13.17
C GLN B 33 2.35 -15.35 13.50
N CYS B 34 1.30 -14.58 13.40
CA CYS B 34 0.03 -15.21 13.50
C CYS B 34 -0.60 -14.72 12.29
N TYR B 35 -1.25 -15.61 11.59
CA TYR B 35 -2.04 -15.24 10.46
C TYR B 35 -1.22 -14.43 9.53
N GLY B 36 0.04 -14.79 9.37
CA GLY B 36 0.82 -14.21 8.31
C GLY B 36 1.26 -12.89 8.80
N ILE B 37 0.96 -12.55 10.03
CA ILE B 37 1.39 -11.28 10.53
C ILE B 37 2.51 -11.61 11.39
N PRO B 38 3.65 -11.03 11.06
CA PRO B 38 4.77 -11.35 11.83
C PRO B 38 4.52 -10.87 13.21
N MET B 39 5.08 -11.56 14.15
CA MET B 39 4.88 -11.18 15.44
C MET B 39 6.20 -10.81 15.97
N LEU B 40 6.17 -9.80 16.81
CA LEU B 40 7.34 -9.45 17.49
C LEU B 40 7.74 -10.56 18.37
N PRO B 41 9.02 -10.62 18.65
CA PRO B 41 9.54 -11.61 19.53
C PRO B 41 9.12 -11.27 20.91
N ASN B 42 9.25 -12.27 21.78
CA ASN B 42 9.14 -12.00 23.20
C ASN B 42 10.29 -11.10 23.60
N ASN B 43 10.39 -10.83 24.89
CA ASN B 43 11.39 -9.86 25.40
C ASN B 43 12.72 -10.57 25.54
N SER B 44 12.82 -11.80 25.09
CA SER B 44 14.03 -12.54 25.33
C SER B 44 14.73 -13.00 24.08
N SER B 45 14.39 -12.37 22.96
CA SER B 45 15.09 -12.64 21.70
C SER B 45 16.51 -12.12 21.87
N THR B 46 17.51 -12.73 21.23
CA THR B 46 18.91 -12.36 21.38
C THR B 46 18.99 -10.87 21.20
N ILE B 47 18.48 -10.41 20.07
CA ILE B 47 18.45 -9.03 19.75
C ILE B 47 17.10 -8.46 20.15
N LYS B 48 17.07 -7.71 21.22
CA LYS B 48 15.86 -7.24 21.86
C LYS B 48 15.44 -5.93 21.21
N TYR B 49 16.38 -5.31 20.52
CA TYR B 49 16.14 -3.98 20.08
C TYR B 49 16.48 -3.87 18.65
N LEU B 50 15.95 -2.83 18.06
CA LEU B 50 16.39 -2.47 16.79
C LEU B 50 16.47 -1.02 16.86
N LEU B 51 17.23 -0.50 15.94
CA LEU B 51 17.44 0.89 15.91
C LEU B 51 16.62 1.24 14.74
N VAL B 52 15.96 2.34 14.84
CA VAL B 52 15.34 2.87 13.69
C VAL B 52 15.96 4.20 13.53
N LYS B 53 16.76 4.30 12.52
CA LYS B 53 17.45 5.52 12.32
C LYS B 53 16.68 6.30 11.33
N LEU B 54 16.02 7.30 11.85
CA LEU B 54 15.24 8.14 11.02
C LEU B 54 16.06 9.29 10.66
N GLN B 55 15.91 9.65 9.44
CA GLN B 55 16.49 10.83 9.07
C GLN B 55 15.35 11.68 8.68
N GLY B 56 15.47 12.92 8.99
CA GLY B 56 14.42 13.74 8.65
C GLY B 56 15.02 15.01 8.21
N ALA B 57 14.49 16.07 8.78
CA ALA B 57 14.73 17.34 8.24
C ALA B 57 16.22 17.58 8.27
N SER B 58 16.70 18.19 7.21
CA SER B 58 18.09 18.54 7.11
C SER B 58 18.91 17.34 7.37
N GLN B 59 18.39 16.18 7.01
CA GLN B 59 19.12 14.96 7.08
C GLN B 59 19.50 14.61 8.49
N LYS B 60 18.86 15.24 9.44
CA LYS B 60 19.16 14.97 10.78
C LYS B 60 18.55 13.65 11.06
N THR B 61 19.13 12.97 12.00
CA THR B 61 18.66 11.68 12.22
C THR B 61 18.28 11.58 13.64
N ILE B 62 17.43 10.62 13.84
CA ILE B 62 17.14 10.28 15.13
C ILE B 62 17.14 8.84 14.97
N THR B 63 17.73 8.18 15.93
CA THR B 63 17.66 6.79 15.93
C THR B 63 16.72 6.51 17.01
N LEU B 64 15.65 5.85 16.62
CA LEU B 64 14.80 5.34 17.62
C LEU B 64 15.39 4.04 17.98
N MET B 65 15.32 3.73 19.23
CA MET B 65 15.56 2.38 19.57
C MET B 65 14.25 1.80 19.97
N LEU B 66 13.96 0.73 19.25
CA LEU B 66 12.73 0.10 19.46
C LEU B 66 13.05 -1.18 20.06
N ARG B 67 12.21 -1.55 20.99
CA ARG B 67 12.19 -2.85 21.52
C ARG B 67 11.58 -3.68 20.43
N ARG B 68 12.23 -4.74 20.04
CA ARG B 68 11.72 -5.55 18.98
C ARG B 68 10.48 -6.19 19.48
N ASN B 69 10.50 -6.53 20.77
CA ASN B 69 9.44 -7.29 21.34
C ASN B 69 8.12 -6.58 21.15
N ASN B 70 8.12 -5.28 21.16
CA ASN B 70 6.87 -4.57 21.07
C ASN B 70 6.98 -3.34 20.27
N LEU B 71 8.13 -3.17 19.67
CA LEU B 71 8.40 -2.07 18.80
C LEU B 71 8.35 -0.80 19.53
N TYR B 72 8.32 -0.88 20.84
CA TYR B 72 8.34 0.32 21.58
C TYR B 72 9.60 1.03 21.34
N VAL B 73 9.44 2.28 21.03
CA VAL B 73 10.53 3.19 20.99
C VAL B 73 10.87 3.39 22.45
N MET B 74 12.11 3.03 22.74
CA MET B 74 12.56 3.08 24.10
C MET B 74 13.23 4.39 24.25
N GLY B 75 13.57 4.96 23.15
CA GLY B 75 14.05 6.28 23.22
C GLY B 75 14.72 6.40 21.94
N TYR B 76 15.53 7.42 21.80
CA TYR B 76 16.05 7.59 20.53
C TYR B 76 17.26 8.37 20.81
N SER B 77 18.05 8.40 19.78
CA SER B 77 19.24 9.12 19.91
C SER B 77 19.18 10.07 18.79
N ASP B 78 19.89 11.14 18.94
CA ASP B 78 20.01 11.96 17.83
C ASP B 78 21.41 12.39 17.98
N PRO B 79 22.06 12.59 16.86
CA PRO B 79 23.37 13.13 16.89
C PRO B 79 23.16 14.51 17.40
N PHE B 80 23.84 14.81 18.47
CA PHE B 80 23.68 16.12 18.97
C PHE B 80 25.06 16.51 19.38
N ASN B 81 25.55 17.58 18.82
CA ASN B 81 26.83 18.06 19.26
C ASN B 81 27.83 16.98 19.26
N GLY B 82 27.82 16.05 18.32
CA GLY B 82 28.78 15.00 18.22
C GLY B 82 28.40 13.91 19.16
N ASN B 83 27.44 14.19 20.00
CA ASN B 83 27.09 13.13 20.87
C ASN B 83 25.93 12.39 20.32
N CYS B 84 25.98 11.10 20.55
CA CYS B 84 24.84 10.31 20.40
C CYS B 84 24.03 10.76 21.55
N ARG B 85 23.05 11.59 21.28
CA ARG B 85 22.27 12.06 22.36
C ARG B 85 21.15 11.11 22.49
N TYR B 86 21.04 10.49 23.62
CA TYR B 86 20.10 9.45 23.72
C TYR B 86 19.07 9.90 24.67
N HIS B 87 17.84 9.70 24.20
CA HIS B 87 16.71 10.15 24.89
C HIS B 87 16.01 8.89 25.09
N ILE B 88 15.91 8.56 26.34
CA ILE B 88 15.26 7.38 26.68
C ILE B 88 14.12 7.84 27.51
N PHE B 89 13.03 7.10 27.41
CA PHE B 89 11.87 7.40 28.20
C PHE B 89 12.13 7.04 29.64
N ASN B 90 11.73 7.91 30.56
CA ASN B 90 11.87 7.63 31.99
C ASN B 90 11.23 6.31 32.40
N ASP B 91 10.35 5.77 31.58
CA ASP B 91 9.79 4.45 31.87
C ASP B 91 10.60 3.32 31.24
N ILE B 92 11.75 3.69 30.70
CA ILE B 92 12.76 2.71 30.36
C ILE B 92 13.62 2.59 31.60
N THR B 93 13.46 1.42 32.24
CA THR B 93 13.97 1.16 33.57
C THR B 93 15.48 0.90 33.61
N GLY B 94 16.16 1.64 34.49
CA GLY B 94 17.58 1.52 34.81
C GLY B 94 18.54 0.75 33.91
N THR B 95 18.43 -0.57 33.93
CA THR B 95 19.33 -1.43 33.18
C THR B 95 18.96 -1.41 31.71
N GLU B 96 17.66 -1.49 31.44
CA GLU B 96 17.17 -1.32 30.08
C GLU B 96 17.63 0.03 29.57
N ARG B 97 17.42 1.07 30.40
CA ARG B 97 17.97 2.39 30.13
C ARG B 97 19.29 2.27 29.48
N THR B 98 20.22 1.65 30.23
CA THR B 98 21.59 1.47 29.82
C THR B 98 21.62 0.89 28.44
N ASN B 99 20.87 -0.20 28.26
CA ASN B 99 20.88 -0.91 26.99
C ASN B 99 20.34 0.01 25.90
N VAL B 100 19.29 0.76 26.22
CA VAL B 100 18.71 1.70 25.29
C VAL B 100 19.77 2.74 24.95
N GLU B 101 20.33 3.34 26.01
CA GLU B 101 21.43 4.26 25.82
C GLU B 101 22.51 3.67 24.98
N ASN B 102 23.05 2.52 25.43
CA ASN B 102 24.13 1.92 24.70
C ASN B 102 23.79 1.55 23.28
N THR B 103 22.59 1.04 23.07
CA THR B 103 22.22 0.52 21.78
C THR B 103 22.09 1.73 20.87
N LEU B 104 21.42 2.75 21.41
CA LEU B 104 21.24 3.98 20.68
C LEU B 104 22.55 4.56 20.31
N CYS B 105 23.49 4.45 21.22
CA CYS B 105 24.70 5.18 21.01
C CYS B 105 25.91 4.31 20.68
N SER B 106 25.72 3.35 19.77
CA SER B 106 26.81 2.44 19.38
C SER B 106 28.04 3.12 18.76
N SER B 107 27.90 4.13 17.85
CA SER B 107 29.03 5.03 17.59
C SER B 107 29.11 5.86 18.86
N SER B 108 28.97 5.16 19.96
CA SER B 108 29.18 5.59 21.36
C SER B 108 30.25 6.57 21.59
N SER B 109 31.14 6.73 20.65
CA SER B 109 32.30 7.57 20.94
C SER B 109 31.92 8.71 21.85
N SER B 110 30.75 9.32 21.63
CA SER B 110 30.23 10.18 22.64
C SER B 110 28.75 10.13 22.71
N ARG B 111 28.21 10.23 23.89
CA ARG B 111 26.80 10.18 24.01
C ARG B 111 26.47 11.15 25.06
N ASP B 112 25.24 11.56 25.06
CA ASP B 112 24.79 12.45 26.04
C ASP B 112 23.38 12.14 26.20
N ALA B 113 22.98 12.07 27.44
CA ALA B 113 21.63 11.81 27.72
C ALA B 113 20.89 13.07 27.45
N LYS B 114 19.88 12.95 26.62
CA LYS B 114 18.80 13.84 26.79
C LYS B 114 17.64 12.95 27.06
N PRO B 115 17.30 12.74 28.31
CA PRO B 115 16.28 11.80 28.65
C PRO B 115 15.00 12.34 28.08
N ILE B 116 14.15 11.42 27.72
CA ILE B 116 12.82 11.80 27.49
C ILE B 116 12.23 11.87 28.86
N ASN B 117 12.00 13.10 29.34
CA ASN B 117 11.49 13.37 30.71
C ASN B 117 10.06 12.95 30.82
N TYR B 118 9.80 11.74 30.34
CA TYR B 118 8.45 11.23 30.36
C TYR B 118 8.39 9.90 29.72
N ASN B 119 7.31 9.18 29.99
CA ASN B 119 7.31 7.86 29.48
C ASN B 119 6.77 7.95 28.09
N SER B 120 6.60 6.79 27.49
CA SER B 120 6.31 6.78 26.09
C SER B 120 4.86 6.45 25.88
N LEU B 121 4.13 6.42 26.97
CA LEU B 121 2.74 6.24 26.85
C LEU B 121 2.27 7.33 25.95
N TYR B 122 1.45 6.98 25.00
CA TYR B 122 0.80 7.95 24.22
C TYR B 122 0.23 9.06 25.00
N SER B 123 -0.54 8.70 26.01
CA SER B 123 -1.12 9.70 26.88
C SER B 123 -0.02 10.65 27.30
N THR B 124 1.11 10.10 27.69
CA THR B 124 2.21 10.90 28.17
C THR B 124 2.74 11.70 27.03
N LEU B 125 3.01 11.04 25.92
CA LEU B 125 3.47 11.74 24.77
C LEU B 125 2.50 12.79 24.39
N GLU B 126 1.23 12.46 24.46
CA GLU B 126 0.28 13.40 24.04
C GLU B 126 0.29 14.49 25.00
N LYS B 127 0.37 14.14 26.27
CA LYS B 127 0.37 15.13 27.30
C LYS B 127 1.54 16.05 27.03
N LYS B 128 2.69 15.45 26.88
CA LYS B 128 3.90 16.21 26.68
C LYS B 128 3.78 16.87 25.35
N ALA B 129 3.17 16.24 24.36
CA ALA B 129 2.94 16.91 23.10
C ALA B 129 1.94 17.98 23.24
N GLU B 130 1.32 18.02 24.42
CA GLU B 130 0.27 18.94 24.72
C GLU B 130 -0.78 18.87 23.68
N VAL B 131 -1.14 17.64 23.41
CA VAL B 131 -2.24 17.44 22.59
C VAL B 131 -3.16 16.62 23.40
N ASN B 132 -4.42 16.76 23.09
CA ASN B 132 -5.36 15.97 23.78
C ASN B 132 -5.09 14.56 23.46
N SER B 133 -4.71 14.37 22.22
CA SER B 133 -4.57 13.07 21.74
C SER B 133 -3.64 13.21 20.60
N ARG B 134 -2.89 12.15 20.38
CA ARG B 134 -2.05 12.16 19.23
C ARG B 134 -2.92 12.14 18.01
N SER B 135 -4.22 11.94 18.15
CA SER B 135 -5.03 12.13 16.98
C SER B 135 -4.78 13.53 16.45
N GLN B 136 -4.27 14.40 17.31
CA GLN B 136 -4.16 15.77 16.92
C GLN B 136 -2.79 16.02 16.52
N VAL B 137 -1.99 14.98 16.61
CA VAL B 137 -0.64 15.13 16.24
C VAL B 137 -0.61 14.55 14.88
N GLN B 138 -0.45 15.44 13.94
CA GLN B 138 -0.42 14.98 12.62
C GLN B 138 0.79 14.17 12.47
N LEU B 139 0.58 13.18 11.66
CA LEU B 139 1.62 12.32 11.33
C LEU B 139 1.89 12.62 9.94
N GLY B 140 3.02 12.19 9.51
CA GLY B 140 3.29 12.41 8.15
C GLY B 140 4.73 12.28 8.09
N ILE B 141 5.13 11.97 6.90
CA ILE B 141 6.47 11.76 6.63
C ILE B 141 7.16 13.07 6.84
N GLN B 142 6.62 14.12 6.26
CA GLN B 142 7.23 15.38 6.42
C GLN B 142 7.22 15.70 7.88
N ILE B 143 6.14 15.42 8.57
CA ILE B 143 6.08 15.78 9.94
C ILE B 143 7.15 15.02 10.64
N LEU B 144 7.26 13.75 10.36
CA LEU B 144 8.28 13.01 10.98
C LEU B 144 9.59 13.61 10.66
N SER B 145 9.79 13.86 9.38
CA SER B 145 11.04 14.39 8.98
C SER B 145 11.27 15.66 9.71
N SER B 146 10.26 16.50 9.74
CA SER B 146 10.42 17.77 10.36
C SER B 146 10.67 17.53 11.80
N ASP B 147 9.91 16.64 12.40
CA ASP B 147 10.05 16.46 13.82
C ASP B 147 11.40 15.95 14.14
N ILE B 148 11.91 15.07 13.31
CA ILE B 148 13.22 14.61 13.51
C ILE B 148 14.07 15.85 13.54
N GLY B 149 13.89 16.76 12.61
CA GLY B 149 14.70 17.95 12.51
C GLY B 149 14.52 18.83 13.71
N LYS B 150 13.40 18.72 14.38
CA LYS B 150 13.14 19.55 15.52
C LYS B 150 13.83 18.95 16.71
N ILE B 151 14.24 17.72 16.58
CA ILE B 151 14.76 17.04 17.70
C ILE B 151 16.18 16.79 17.45
N SER B 152 16.41 16.11 16.36
CA SER B 152 17.73 15.70 16.09
C SER B 152 18.61 16.90 16.04
N GLY B 153 19.69 16.79 16.80
CA GLY B 153 20.73 17.80 16.74
C GLY B 153 20.28 19.03 17.43
N GLN B 154 19.04 19.10 17.85
CA GLN B 154 18.53 20.26 18.52
C GLN B 154 18.99 20.27 19.97
N SER B 155 19.75 21.31 20.29
CA SER B 155 20.25 21.48 21.62
C SER B 155 19.09 21.46 22.56
N SER B 156 18.03 22.11 22.14
CA SER B 156 16.92 22.22 23.00
C SER B 156 15.73 21.89 22.17
N PHE B 157 14.85 21.17 22.79
CA PHE B 157 13.58 21.05 22.23
C PHE B 157 12.77 20.74 23.43
N THR B 158 11.54 21.10 23.31
CA THR B 158 10.67 20.91 24.39
C THR B 158 10.28 19.47 24.39
N ASP B 159 9.89 19.01 25.55
CA ASP B 159 9.27 17.74 25.65
C ASP B 159 8.15 17.68 24.69
N LYS B 160 7.48 18.80 24.49
CA LYS B 160 6.34 18.84 23.64
C LYS B 160 6.80 18.47 22.27
N THR B 161 7.85 19.11 21.80
CA THR B 161 8.29 18.86 20.47
C THR B 161 8.71 17.46 20.42
N GLU B 162 9.40 17.04 21.43
CA GLU B 162 9.89 15.73 21.44
C GLU B 162 8.74 14.78 21.46
N ALA B 163 7.78 15.12 22.29
CA ALA B 163 6.69 14.19 22.53
C ALA B 163 5.99 14.07 21.19
N LYS B 164 5.85 15.19 20.54
CA LYS B 164 5.17 15.27 19.28
C LYS B 164 5.99 14.48 18.33
N PHE B 165 7.28 14.73 18.36
CA PHE B 165 8.13 13.98 17.51
C PHE B 165 7.95 12.52 17.82
N LEU B 166 7.98 12.20 19.10
CA LEU B 166 7.86 10.84 19.49
C LEU B 166 6.57 10.28 19.09
N LEU B 167 5.53 11.10 19.17
CA LEU B 167 4.23 10.67 18.76
C LEU B 167 4.30 10.36 17.32
N VAL B 168 5.03 11.17 16.62
CA VAL B 168 5.08 10.99 15.21
C VAL B 168 5.91 9.80 14.95
N ALA B 169 7.09 9.78 15.53
CA ALA B 169 8.02 8.73 15.28
C ALA B 169 7.40 7.45 15.72
N ILE B 170 6.80 7.45 16.87
CA ILE B 170 6.34 6.20 17.39
C ILE B 170 5.32 5.65 16.49
N GLN B 171 4.53 6.54 15.98
CA GLN B 171 3.41 6.08 15.24
C GLN B 171 3.88 5.75 13.91
N MET B 172 4.77 6.54 13.39
CA MET B 172 5.12 6.34 12.04
C MET B 172 6.13 5.32 11.90
N VAL B 173 6.71 4.93 13.01
CA VAL B 173 7.71 3.95 12.93
C VAL B 173 7.08 2.75 13.56
N SER B 174 6.90 2.80 14.86
CA SER B 174 6.47 1.65 15.56
C SER B 174 5.07 1.34 15.22
N GLU B 175 4.21 2.32 15.21
CA GLU B 175 2.81 1.96 15.03
C GLU B 175 2.66 1.54 13.65
N ALA B 176 3.36 2.23 12.81
CA ALA B 176 3.24 1.96 11.44
C ALA B 176 3.80 0.60 11.21
N ALA B 177 4.88 0.28 11.93
CA ALA B 177 5.45 -1.03 11.74
C ALA B 177 4.41 -2.01 12.21
N ARG B 178 3.81 -1.70 13.32
CA ARG B 178 2.96 -2.65 13.94
C ARG B 178 1.75 -2.76 13.12
N PHE B 179 1.37 -1.63 12.58
CA PHE B 179 0.14 -1.60 11.84
C PHE B 179 0.39 -1.16 10.50
N LYS B 180 0.33 -2.09 9.61
CA LYS B 180 0.33 -1.76 8.25
C LYS B 180 -0.70 -0.70 8.01
N TYR B 181 -1.75 -0.72 8.79
CA TYR B 181 -2.74 0.23 8.55
C TYR B 181 -2.14 1.56 8.72
N ILE B 182 -1.33 1.66 9.74
CA ILE B 182 -0.80 2.92 10.07
C ILE B 182 0.20 3.27 9.06
N GLU B 183 1.00 2.30 8.72
CA GLU B 183 1.93 2.48 7.71
C GLU B 183 1.17 2.94 6.54
N ASN B 184 0.06 2.29 6.26
CA ASN B 184 -0.68 2.64 5.08
C ASN B 184 -1.25 3.95 5.18
N GLN B 185 -1.55 4.32 6.40
CA GLN B 185 -2.09 5.61 6.61
C GLN B 185 -1.06 6.58 6.28
N VAL B 186 0.15 6.28 6.67
CA VAL B 186 1.22 7.19 6.38
C VAL B 186 1.34 7.21 4.93
N LYS B 187 1.29 6.05 4.33
CA LYS B 187 1.55 6.01 2.95
C LYS B 187 0.49 6.66 2.24
N THR B 188 -0.72 6.47 2.67
CA THR B 188 -1.78 6.96 1.88
C THR B 188 -1.77 8.44 2.10
N ASN B 189 -1.11 8.86 3.17
CA ASN B 189 -0.96 10.24 3.45
C ASN B 189 0.39 10.66 3.25
N PHE B 190 1.02 10.00 2.33
CA PHE B 190 2.42 10.09 2.38
C PHE B 190 2.94 11.46 2.23
N ASN B 191 2.23 12.26 1.47
CA ASN B 191 2.75 13.57 1.21
C ASN B 191 1.99 14.57 1.96
N ARG B 192 1.32 14.11 3.00
CA ARG B 192 0.57 15.03 3.73
C ARG B 192 0.66 14.69 5.15
N ASP B 193 0.54 15.72 5.92
CA ASP B 193 0.32 15.57 7.28
C ASP B 193 -1.00 14.93 7.35
N PHE B 194 -1.12 14.08 8.31
CA PHE B 194 -2.40 13.60 8.47
C PHE B 194 -2.57 13.38 9.88
N SER B 195 -3.80 13.54 10.26
CA SER B 195 -4.18 13.26 11.59
C SER B 195 -4.44 11.79 11.64
N PRO B 196 -3.76 11.13 12.56
CA PRO B 196 -3.93 9.71 12.56
C PRO B 196 -5.36 9.53 12.90
N ASN B 197 -6.01 8.69 12.15
CA ASN B 197 -7.38 8.58 12.35
C ASN B 197 -7.55 7.72 13.53
N ASP B 198 -8.80 7.54 13.89
CA ASP B 198 -9.02 6.83 15.09
C ASP B 198 -8.60 5.44 15.00
N LYS B 199 -8.61 4.93 13.80
CA LYS B 199 -8.23 3.60 13.65
C LYS B 199 -6.79 3.47 13.96
N ILE B 200 -6.01 4.42 13.52
CA ILE B 200 -4.63 4.40 13.81
C ILE B 200 -4.52 4.31 15.28
N LEU B 201 -5.08 5.26 15.97
CA LEU B 201 -4.88 5.34 17.38
C LEU B 201 -5.37 4.11 17.98
N ASP B 202 -6.49 3.67 17.48
CA ASP B 202 -7.11 2.57 18.08
C ASP B 202 -6.29 1.35 17.90
N LEU B 203 -5.78 1.17 16.71
CA LEU B 203 -4.91 0.11 16.43
C LEU B 203 -3.76 0.24 17.34
N GLU B 204 -3.18 1.42 17.41
CA GLU B 204 -2.04 1.57 18.22
C GLU B 204 -2.36 1.12 19.61
N GLU B 205 -3.50 1.52 20.06
CA GLU B 205 -3.90 1.27 21.40
C GLU B 205 -4.27 -0.16 21.60
N ASN B 206 -4.62 -0.85 20.56
CA ASN B 206 -5.12 -2.17 20.68
C ASN B 206 -4.29 -3.16 20.07
N TRP B 207 -3.10 -2.74 19.74
CA TRP B 207 -2.18 -3.59 19.16
C TRP B 207 -2.01 -4.88 19.92
N GLY B 208 -1.84 -4.74 21.23
CA GLY B 208 -1.69 -5.89 22.05
C GLY B 208 -2.92 -6.76 21.88
N LYS B 209 -4.08 -6.14 22.02
CA LYS B 209 -5.34 -6.86 21.96
C LYS B 209 -5.42 -7.44 20.62
N ILE B 210 -5.11 -6.66 19.60
CA ILE B 210 -5.19 -7.13 18.26
C ILE B 210 -4.32 -8.31 18.13
N SER B 211 -3.07 -8.13 18.56
CA SER B 211 -2.11 -9.19 18.42
C SER B 211 -2.59 -10.38 19.12
N THR B 212 -2.99 -10.20 20.37
CA THR B 212 -3.57 -11.26 21.16
C THR B 212 -4.67 -11.89 20.38
N ALA B 213 -5.60 -11.07 19.94
CA ALA B 213 -6.79 -11.52 19.29
C ALA B 213 -6.37 -12.33 18.14
N ILE B 214 -5.45 -11.76 17.38
CA ILE B 214 -5.03 -12.38 16.18
C ILE B 214 -4.27 -13.60 16.54
N HIS B 215 -3.41 -13.50 17.52
CA HIS B 215 -2.62 -14.61 17.88
C HIS B 215 -3.53 -15.69 18.41
N ASP B 216 -4.53 -15.27 19.14
CA ASP B 216 -5.38 -16.24 19.78
C ASP B 216 -6.48 -16.60 18.86
N ALA B 217 -6.57 -15.96 17.70
CA ALA B 217 -7.61 -16.20 16.75
C ALA B 217 -7.45 -17.59 16.29
N THR B 218 -8.55 -18.30 16.33
CA THR B 218 -8.52 -19.62 15.80
C THR B 218 -9.21 -19.55 14.50
N ASN B 219 -8.49 -20.04 13.50
CA ASN B 219 -8.96 -20.04 12.13
C ASN B 219 -9.42 -18.71 11.64
N GLY B 220 -8.62 -17.71 11.99
CA GLY B 220 -8.86 -16.41 11.50
C GLY B 220 -9.94 -15.76 12.28
N ALA B 221 -10.59 -16.50 13.19
CA ALA B 221 -11.62 -15.92 14.01
C ALA B 221 -11.03 -15.48 15.28
N LEU B 222 -11.05 -14.20 15.53
CA LEU B 222 -10.60 -13.67 16.81
C LEU B 222 -11.40 -14.41 17.88
N PRO B 223 -10.76 -14.81 18.99
CA PRO B 223 -11.42 -15.59 20.04
C PRO B 223 -12.69 -14.88 20.38
N LYS B 224 -12.61 -13.57 20.41
CA LYS B 224 -13.77 -12.72 20.62
C LYS B 224 -13.53 -11.47 19.79
N PRO B 225 -14.59 -10.76 19.50
CA PRO B 225 -14.42 -9.66 18.60
C PRO B 225 -13.52 -8.63 19.19
N LEU B 226 -12.71 -8.10 18.32
CA LEU B 226 -11.78 -7.13 18.76
C LEU B 226 -12.46 -5.84 18.48
N GLU B 227 -12.68 -5.11 19.55
CA GLU B 227 -13.32 -3.84 19.41
C GLU B 227 -12.28 -2.83 19.07
N LEU B 228 -12.20 -2.59 17.79
CA LEU B 228 -11.28 -1.64 17.31
C LEU B 228 -12.06 -0.47 16.79
N LYS B 229 -11.36 0.41 16.10
CA LYS B 229 -12.02 1.53 15.56
C LYS B 229 -11.70 1.61 14.14
N ASN B 230 -12.71 1.94 13.38
CA ASN B 230 -12.49 2.22 12.02
C ASN B 230 -11.79 3.48 11.93
N ALA B 231 -11.34 3.75 10.73
CA ALA B 231 -10.64 4.95 10.44
C ALA B 231 -11.45 6.10 10.90
N ASP B 232 -12.76 6.00 10.78
CA ASP B 232 -13.62 7.10 11.04
C ASP B 232 -14.02 7.11 12.48
N GLY B 233 -13.38 6.28 13.27
CA GLY B 233 -13.50 6.31 14.69
C GLY B 233 -14.55 5.35 15.12
N THR B 234 -15.34 4.93 14.15
CA THR B 234 -16.44 4.10 14.49
C THR B 234 -15.91 2.77 14.94
N LYS B 235 -16.78 2.09 15.65
CA LYS B 235 -16.41 0.85 16.21
C LYS B 235 -16.13 -0.06 15.08
N TRP B 236 -15.04 -0.72 15.17
CA TRP B 236 -14.75 -1.67 14.23
C TRP B 236 -14.63 -2.94 14.96
N ILE B 237 -15.64 -3.77 14.80
CA ILE B 237 -15.65 -5.02 15.45
C ILE B 237 -14.95 -5.92 14.52
N VAL B 238 -13.81 -6.38 15.01
CA VAL B 238 -13.06 -7.26 14.22
C VAL B 238 -13.37 -8.61 14.75
N LEU B 239 -13.79 -9.42 13.83
CA LEU B 239 -14.19 -10.76 14.22
C LEU B 239 -13.13 -11.70 13.80
N ARG B 240 -12.42 -11.25 12.80
CA ARG B 240 -11.63 -12.14 12.05
C ARG B 240 -10.32 -11.50 11.80
N VAL B 241 -9.32 -12.31 11.91
CA VAL B 241 -8.01 -11.86 11.63
C VAL B 241 -8.00 -11.17 10.32
N ASP B 242 -8.61 -11.77 9.30
CA ASP B 242 -8.59 -11.23 7.95
C ASP B 242 -9.09 -9.79 7.93
N GLU B 243 -9.82 -9.41 8.94
CA GLU B 243 -10.37 -8.10 8.93
C GLU B 243 -9.38 -7.14 9.41
N ILE B 244 -8.45 -7.62 10.21
CA ILE B 244 -7.57 -6.73 10.86
C ILE B 244 -6.23 -7.02 10.32
N LYS B 245 -5.98 -8.25 9.94
CA LYS B 245 -4.67 -8.56 9.43
C LYS B 245 -4.13 -7.52 8.47
N PRO B 246 -4.93 -7.04 7.54
CA PRO B 246 -4.30 -6.14 6.61
C PRO B 246 -3.79 -4.93 7.31
N ASP B 247 -4.26 -4.70 8.51
CA ASP B 247 -3.82 -3.52 9.18
C ASP B 247 -2.61 -3.85 9.96
N MET B 248 -2.28 -5.11 10.02
CA MET B 248 -1.33 -5.51 10.95
C MET B 248 -0.04 -5.56 10.24
N GLY B 249 0.94 -4.96 10.86
CA GLY B 249 2.24 -5.10 10.40
C GLY B 249 2.90 -6.10 11.26
N LEU B 250 2.64 -6.03 12.53
CA LEU B 250 3.33 -6.86 13.44
C LEU B 250 2.36 -7.13 14.48
N LEU B 251 2.43 -8.32 14.97
CA LEU B 251 1.74 -8.60 16.13
C LEU B 251 2.68 -8.38 17.23
N ASN B 252 2.18 -7.71 18.24
CA ASN B 252 2.85 -7.74 19.47
C ASN B 252 3.07 -9.18 19.79
N TYR B 253 4.16 -9.43 20.51
CA TYR B 253 4.42 -10.73 20.94
C TYR B 253 3.23 -11.24 21.72
N VAL B 254 2.76 -12.38 21.32
CA VAL B 254 1.77 -12.99 22.14
C VAL B 254 2.31 -14.39 22.24
N ASN B 255 2.50 -14.82 23.47
CA ASN B 255 3.06 -16.10 23.73
C ASN B 255 2.09 -17.12 23.25
N GLY B 256 2.58 -18.33 23.02
CA GLY B 256 1.76 -19.41 22.69
C GLY B 256 1.75 -19.42 21.20
N THR B 257 1.34 -20.54 20.67
CA THR B 257 1.29 -20.65 19.25
C THR B 257 0.09 -19.92 18.73
N CYS B 258 0.13 -19.65 17.46
CA CYS B 258 -1.04 -19.11 16.87
C CYS B 258 -1.08 -19.62 15.52
N GLN B 259 -2.18 -19.39 14.82
CA GLN B 259 -2.25 -19.76 13.45
C GLN B 259 -1.36 -18.81 12.71
N THR B 260 -0.46 -19.39 11.94
CA THR B 260 0.65 -18.63 11.47
C THR B 260 0.35 -18.02 10.14
N THR B 261 -0.66 -18.58 9.48
CA THR B 261 -1.02 -18.20 8.15
C THR B 261 -2.46 -17.71 8.09
C1 NAG C . -9.40 16.00 -2.71
C2 NAG C . -9.14 17.49 -2.86
C3 NAG C . -9.16 18.12 -1.46
C4 NAG C . -10.43 17.69 -0.74
C5 NAG C . -10.65 16.17 -0.77
C6 NAG C . -11.98 15.70 -0.26
C7 NAG C . -7.53 17.92 -4.65
C8 NAG C . -6.16 18.46 -4.99
N2 NAG C . -7.81 17.67 -3.39
O3 NAG C . -9.10 19.54 -1.61
O4 NAG C . -10.26 18.07 0.62
O5 NAG C . -10.65 15.78 -2.11
O6 NAG C . -12.46 14.66 -1.12
O7 NAG C . -8.34 17.74 -5.60
C1 NAG D . -5.62 -13.81 -21.31
C2 NAG D . -6.56 -12.56 -21.43
C3 NAG D . -5.71 -11.79 -22.51
C4 NAG D . -4.33 -11.40 -21.96
C5 NAG D . -3.53 -12.66 -21.57
C6 NAG D . -2.33 -12.42 -20.64
C7 NAG D . -8.99 -13.47 -21.60
C8 NAG D . -9.88 -14.02 -22.70
N2 NAG D . -7.70 -13.33 -22.05
O3 NAG D . -6.46 -10.59 -22.77
O4 NAG D . -3.63 -10.73 -23.03
O5 NAG D . -4.42 -13.41 -20.71
O6 NAG D . -1.30 -11.64 -21.12
O7 NAG D . -9.46 -13.40 -20.45
N9 ADE E . -3.50 -4.95 -21.60
C8 ADE E . -3.24 -4.54 -22.85
N7 ADE E . -4.27 -3.82 -23.32
C5 ADE E . -5.18 -3.74 -22.38
C6 ADE E . -6.47 -3.10 -22.25
N6 ADE E . -7.01 -2.42 -23.29
N1 ADE E . -7.08 -3.25 -21.06
C2 ADE E . -6.52 -3.94 -20.05
N3 ADE E . -5.36 -4.56 -20.13
C4 ADE E . -4.67 -4.47 -21.24
C1 NAG F . 15.97 13.13 -2.26
C2 NAG F . 16.42 14.59 -2.48
C3 NAG F . 16.53 14.74 -4.04
C4 NAG F . 17.35 13.62 -4.69
C5 NAG F . 17.22 12.21 -4.03
C6 NAG F . 18.53 11.45 -4.25
C7 NAG F . 15.65 16.33 -0.97
C8 NAG F . 16.16 17.71 -1.31
N2 NAG F . 15.38 15.48 -2.02
O3 NAG F . 17.16 16.01 -4.27
O4 NAG F . 16.90 13.53 -6.03
O5 NAG F . 17.11 12.34 -2.60
O6 NAG F . 19.43 11.80 -3.23
O7 NAG F . 15.52 15.95 0.22
N9 ADE G . 3.15 3.42 21.80
C8 ADE G . 3.19 4.24 22.84
N7 ADE G . 4.45 4.55 23.18
C5 ADE G . 5.24 3.91 22.34
C6 ADE G . 6.68 3.79 22.12
N6 ADE G . 7.52 4.44 22.93
N1 ADE G . 7.11 3.03 21.13
C2 ADE G . 6.28 2.37 20.32
N3 ADE G . 4.96 2.44 20.47
C4 ADE G . 4.39 3.16 21.43
#